data_2BS1
#
_entry.id   2BS1
#
_cell.length_a   273.100
_cell.length_b   273.500
_cell.length_c   273.400
_cell.angle_alpha   63.26
_cell.angle_beta   63.11
_cell.angle_gamma   63.31
#
_symmetry.space_group_name_H-M   'P 1'
#
loop_
_entity.id
_entity.type
_entity.pdbx_description
1 polymer 'MS2 COAT PROTEIN'
2 polymer "5'-R(*AP*CP*AP*UP*GP*AP*GP*GP*AP*UP *UP*AP*CP*CP*CP*AP*UP*GP*U)-3'"
3 water water
#
loop_
_entity_poly.entity_id
_entity_poly.type
_entity_poly.pdbx_seq_one_letter_code
_entity_poly.pdbx_strand_id
1 'polypeptide(L)'
;ASNFTQFVLVDNGGTGDVTVAPSNFANGVAEWISSNSRSQAYKVTCSVRQSSAQNRKYTIKVEVPKVATQTVGGVELPVA
AWRSYLAMKLTIPIFATNSDCELIVKAMQGLLKDGNPIPSAIAANSGIY
;
A,B,C
2 'polyribonucleotide' AUGCAUGUCUAAGACAGCAU R,S
#
# COMPACT_ATOMS: atom_id res chain seq x y z
N ALA A 1 -4.56 -16.10 -8.48
CA ALA A 1 -4.17 -15.65 -7.12
C ALA A 1 -4.81 -14.29 -6.80
N SER A 2 -3.93 -13.33 -6.52
CA SER A 2 -4.26 -11.94 -6.17
C SER A 2 -3.29 -11.71 -5.06
N ASN A 3 -2.33 -10.82 -5.29
CA ASN A 3 -1.35 -10.57 -4.25
C ASN A 3 -1.86 -9.54 -3.25
N PHE A 4 -3.00 -8.92 -3.53
CA PHE A 4 -3.51 -7.91 -2.62
C PHE A 4 -4.15 -8.55 -1.40
N THR A 5 -3.31 -9.02 -0.49
CA THR A 5 -3.76 -9.69 0.74
C THR A 5 -3.19 -9.05 1.98
N GLN A 6 -3.80 -9.32 3.13
CA GLN A 6 -3.30 -8.75 4.37
C GLN A 6 -2.09 -9.56 4.79
N PHE A 7 -1.24 -8.95 5.62
CA PHE A 7 -0.04 -9.62 6.09
C PHE A 7 0.38 -9.03 7.41
N VAL A 8 1.24 -9.75 8.12
CA VAL A 8 1.72 -9.27 9.40
C VAL A 8 2.95 -8.41 9.16
N LEU A 9 2.81 -7.11 9.40
CA LEU A 9 3.88 -6.14 9.21
C LEU A 9 4.92 -6.24 10.32
N VAL A 10 4.47 -6.41 11.55
CA VAL A 10 5.37 -6.53 12.69
C VAL A 10 5.09 -7.83 13.41
N ASP A 11 6.05 -8.74 13.39
CA ASP A 11 5.87 -10.02 14.05
C ASP A 11 6.44 -10.09 15.45
N ASN A 12 5.60 -10.53 16.39
CA ASN A 12 5.99 -10.68 17.79
C ASN A 12 5.49 -12.02 18.30
N GLY A 13 5.63 -13.05 17.47
CA GLY A 13 5.19 -14.38 17.85
C GLY A 13 3.71 -14.52 18.18
N GLY A 14 2.90 -14.73 17.15
CA GLY A 14 1.47 -14.90 17.34
C GLY A 14 0.67 -13.75 17.94
N THR A 15 0.98 -13.40 19.20
CA THR A 15 0.28 -12.32 19.88
C THR A 15 1.14 -11.06 20.01
N GLY A 16 0.50 -9.91 19.76
CA GLY A 16 1.20 -8.64 19.83
C GLY A 16 1.65 -8.24 18.43
N ASP A 17 1.29 -9.08 17.47
CA ASP A 17 1.63 -8.86 16.08
C ASP A 17 0.88 -7.67 15.50
N VAL A 18 1.52 -6.93 14.59
CA VAL A 18 0.88 -5.81 13.93
C VAL A 18 0.57 -6.30 12.52
N THR A 19 -0.71 -6.60 12.27
CA THR A 19 -1.12 -7.06 10.96
C THR A 19 -1.82 -5.91 10.23
N VAL A 20 -1.59 -5.82 8.93
CA VAL A 20 -2.14 -4.75 8.13
C VAL A 20 -2.95 -5.33 6.96
N ALA A 21 -4.01 -4.64 6.54
CA ALA A 21 -4.87 -5.17 5.47
C ALA A 21 -5.27 -4.21 4.35
N PRO A 22 -5.59 -4.76 3.16
CA PRO A 22 -5.99 -3.98 1.99
C PRO A 22 -7.09 -2.99 2.38
N SER A 23 -6.90 -1.73 2.02
CA SER A 23 -7.87 -0.70 2.37
C SER A 23 -8.25 0.21 1.20
N ASN A 24 -7.36 0.35 0.24
CA ASN A 24 -7.66 1.21 -0.89
C ASN A 24 -6.78 0.87 -2.08
N PHE A 25 -7.22 1.22 -3.26
CA PHE A 25 -6.45 1.00 -4.47
C PHE A 25 -6.77 2.11 -5.45
N ALA A 26 -7.27 3.21 -4.91
CA ALA A 26 -7.63 4.37 -5.73
C ALA A 26 -6.39 5.01 -6.33
N ASN A 27 -6.52 5.41 -7.59
CA ASN A 27 -5.42 6.05 -8.30
C ASN A 27 -4.19 5.19 -8.48
N GLY A 28 -4.38 3.88 -8.55
CA GLY A 28 -3.25 3.00 -8.74
C GLY A 28 -2.27 2.88 -7.59
N VAL A 29 -2.67 3.33 -6.40
CA VAL A 29 -1.79 3.19 -5.25
C VAL A 29 -2.44 2.21 -4.29
N ALA A 30 -1.84 1.04 -4.12
CA ALA A 30 -2.37 0.03 -3.22
C ALA A 30 -2.05 0.41 -1.79
N GLU A 31 -3.08 0.45 -0.94
CA GLU A 31 -2.93 0.82 0.45
C GLU A 31 -3.35 -0.29 1.41
N TRP A 32 -2.60 -0.40 2.51
CA TRP A 32 -2.86 -1.39 3.55
C TRP A 32 -2.81 -0.58 4.85
N ILE A 33 -3.77 -0.75 5.75
CA ILE A 33 -3.69 -0.07 7.03
C ILE A 33 -4.08 -1.04 8.12
N SER A 34 -3.54 -0.82 9.32
CA SER A 34 -3.86 -1.69 10.45
C SER A 34 -5.23 -1.30 10.94
N SER A 35 -5.82 -2.13 11.79
CA SER A 35 -7.15 -1.84 12.29
C SER A 35 -7.19 -0.86 13.43
N ASN A 36 -7.14 0.43 13.12
CA ASN A 36 -7.18 1.45 14.16
C ASN A 36 -7.91 2.64 13.60
N SER A 37 -7.91 3.71 14.37
CA SER A 37 -8.52 4.94 13.92
C SER A 37 -7.51 5.37 12.85
N ARG A 38 -8.01 5.94 11.78
CA ARG A 38 -7.17 6.38 10.69
C ARG A 38 -6.01 7.22 11.26
N SER A 39 -6.22 7.82 12.42
CA SER A 39 -5.18 8.66 13.04
C SER A 39 -4.06 7.91 13.77
N GLN A 40 -4.29 6.66 14.13
CA GLN A 40 -3.27 5.89 14.84
C GLN A 40 -2.80 4.66 14.06
N ALA A 41 -3.32 4.50 12.85
CA ALA A 41 -2.99 3.33 12.08
C ALA A 41 -1.61 3.24 11.43
N TYR A 42 -1.13 2.00 11.31
CA TYR A 42 0.13 1.73 10.62
C TYR A 42 -0.34 1.78 9.16
N LYS A 43 0.48 2.29 8.26
CA LYS A 43 0.07 2.33 6.87
C LYS A 43 1.17 1.87 5.92
N VAL A 44 0.77 1.20 4.85
CA VAL A 44 1.72 0.74 3.83
C VAL A 44 1.12 1.00 2.46
N THR A 45 1.89 1.59 1.57
CA THR A 45 1.42 1.88 0.22
C THR A 45 2.44 1.44 -0.81
N CYS A 46 1.95 0.98 -1.95
CA CYS A 46 2.82 0.49 -3.01
C CYS A 46 2.28 0.84 -4.39
N SER A 47 3.17 1.08 -5.34
CA SER A 47 2.77 1.41 -6.70
C SER A 47 3.91 1.16 -7.69
N VAL A 48 3.56 0.84 -8.93
CA VAL A 48 4.59 0.58 -9.95
C VAL A 48 4.34 1.43 -11.17
N ARG A 49 5.41 1.94 -11.75
CA ARG A 49 5.30 2.77 -12.94
C ARG A 49 6.39 2.43 -13.93
N GLN A 50 6.11 2.62 -15.21
CA GLN A 50 7.08 2.38 -16.26
C GLN A 50 7.85 3.68 -16.41
N SER A 51 8.56 4.06 -15.34
CA SER A 51 9.35 5.30 -15.26
C SER A 51 10.07 5.77 -16.52
N SER A 52 10.69 4.84 -17.24
CA SER A 52 11.41 5.18 -18.46
C SER A 52 10.88 4.32 -19.57
N ALA A 53 11.55 4.39 -20.72
CA ALA A 53 11.18 3.59 -21.86
C ALA A 53 11.72 2.18 -21.60
N GLN A 54 12.76 2.10 -20.78
CA GLN A 54 13.38 0.82 -20.47
C GLN A 54 13.53 0.55 -18.98
N ASN A 55 12.66 1.18 -18.19
CA ASN A 55 12.68 1.04 -16.73
C ASN A 55 11.32 0.99 -16.08
N ARG A 56 11.25 0.30 -14.96
CA ARG A 56 10.03 0.23 -14.17
C ARG A 56 10.46 0.66 -12.79
N LYS A 57 9.61 1.41 -12.09
CA LYS A 57 9.96 1.90 -10.78
C LYS A 57 8.90 1.63 -9.74
N TYR A 58 9.29 1.00 -8.64
CA TYR A 58 8.37 0.72 -7.55
C TYR A 58 8.54 1.79 -6.49
N THR A 59 7.44 2.25 -5.93
CA THR A 59 7.49 3.25 -4.87
C THR A 59 6.75 2.65 -3.68
N ILE A 60 7.49 2.38 -2.61
CA ILE A 60 6.92 1.79 -1.42
C ILE A 60 7.09 2.70 -0.22
N LYS A 61 6.06 2.77 0.62
CA LYS A 61 6.07 3.60 1.82
C LYS A 61 5.44 2.89 3.01
N VAL A 62 6.03 3.07 4.19
CA VAL A 62 5.51 2.47 5.40
C VAL A 62 5.47 3.57 6.45
N GLU A 63 4.42 3.61 7.24
CA GLU A 63 4.28 4.62 8.29
C GLU A 63 4.08 3.93 9.62
N VAL A 64 5.07 4.02 10.50
CA VAL A 64 4.97 3.41 11.83
C VAL A 64 4.67 4.50 12.84
N PRO A 65 3.51 4.44 13.50
CA PRO A 65 3.14 5.47 14.49
C PRO A 65 3.46 5.12 15.94
N LYS A 66 3.53 6.17 16.75
CA LYS A 66 3.75 6.06 18.18
C LYS A 66 2.42 6.56 18.76
N VAL A 67 1.51 5.63 19.05
CA VAL A 67 0.19 6.00 19.57
C VAL A 67 0.23 6.72 20.90
N ALA A 68 -0.78 7.55 21.13
CA ALA A 68 -0.90 8.34 22.34
C ALA A 68 -2.31 8.91 22.47
N THR A 69 -2.63 9.41 23.65
CA THR A 69 -3.95 10.01 23.89
C THR A 69 -3.79 11.49 24.19
N GLN A 70 -4.26 12.33 23.28
CA GLN A 70 -4.12 13.75 23.50
C GLN A 70 -5.41 14.40 23.94
N THR A 71 -5.29 15.37 24.84
CA THR A 71 -6.44 16.10 25.36
C THR A 71 -6.54 17.45 24.67
N VAL A 72 -7.51 17.56 23.77
CA VAL A 72 -7.73 18.79 23.03
C VAL A 72 -9.08 19.36 23.45
N GLY A 73 -9.07 20.59 23.94
CA GLY A 73 -10.30 21.22 24.38
C GLY A 73 -10.99 20.50 25.53
N GLY A 74 -10.19 19.90 26.41
CA GLY A 74 -10.76 19.19 27.54
C GLY A 74 -11.28 17.81 27.20
N VAL A 75 -11.18 17.43 25.94
CA VAL A 75 -11.64 16.12 25.48
C VAL A 75 -10.45 15.28 25.02
N GLU A 76 -10.52 13.97 25.26
CA GLU A 76 -9.43 13.09 24.86
C GLU A 76 -9.67 12.42 23.50
N LEU A 77 -8.63 12.41 22.67
CA LEU A 77 -8.71 11.82 21.34
C LEU A 77 -7.55 10.86 21.06
N PRO A 78 -7.81 9.81 20.28
CA PRO A 78 -6.77 8.83 19.91
C PRO A 78 -5.90 9.48 18.85
N VAL A 79 -4.60 9.61 19.13
CA VAL A 79 -3.72 10.29 18.20
C VAL A 79 -2.34 9.64 18.14
N ALA A 80 -1.48 10.11 17.25
CA ALA A 80 -0.12 9.58 17.15
C ALA A 80 0.88 10.62 17.64
N ALA A 81 1.63 10.30 18.69
CA ALA A 81 2.61 11.25 19.22
C ALA A 81 3.54 11.71 18.11
N TRP A 82 3.89 10.78 17.23
CA TRP A 82 4.76 11.08 16.10
C TRP A 82 4.77 9.87 15.19
N ARG A 83 5.26 10.05 13.98
CA ARG A 83 5.33 8.95 13.02
C ARG A 83 6.70 8.79 12.43
N SER A 84 7.03 7.56 12.10
CA SER A 84 8.29 7.26 11.48
C SER A 84 7.93 6.93 10.03
N TYR A 85 8.75 7.38 9.07
CA TYR A 85 8.46 7.14 7.66
C TYR A 85 9.54 6.41 6.89
N LEU A 86 9.16 5.36 6.18
CA LEU A 86 10.08 4.60 5.34
C LEU A 86 9.63 4.81 3.91
N ALA A 87 10.53 5.30 3.06
CA ALA A 87 10.19 5.51 1.66
C ALA A 87 11.26 4.90 0.80
N MET A 88 10.89 3.93 -0.02
CA MET A 88 11.88 3.32 -0.89
C MET A 88 11.46 3.33 -2.35
N LYS A 89 12.43 3.63 -3.22
CA LYS A 89 12.24 3.66 -4.66
C LYS A 89 13.07 2.53 -5.21
N LEU A 90 12.46 1.66 -6.01
CA LEU A 90 13.18 0.54 -6.60
C LEU A 90 13.09 0.59 -8.13
N THR A 91 14.22 0.76 -8.81
CA THR A 91 14.24 0.83 -10.26
C THR A 91 14.82 -0.42 -10.90
N ILE A 92 13.98 -1.14 -11.63
CA ILE A 92 14.41 -2.38 -12.27
C ILE A 92 14.32 -2.27 -13.78
N PRO A 93 15.36 -2.69 -14.50
CA PRO A 93 15.33 -2.61 -15.96
C PRO A 93 14.35 -3.64 -16.53
N ILE A 94 13.68 -3.29 -17.63
CA ILE A 94 12.70 -4.18 -18.25
C ILE A 94 13.31 -5.49 -18.74
N PHE A 95 14.63 -5.52 -18.82
CA PHE A 95 15.34 -6.72 -19.26
C PHE A 95 15.52 -7.71 -18.12
N ALA A 96 15.10 -7.31 -16.92
CA ALA A 96 15.22 -8.16 -15.76
C ALA A 96 14.26 -9.34 -15.79
N THR A 97 14.85 -10.51 -15.67
CA THR A 97 14.16 -11.80 -15.65
C THR A 97 13.46 -11.99 -14.30
N ASN A 98 12.59 -12.98 -14.18
CA ASN A 98 11.93 -13.22 -12.90
C ASN A 98 13.00 -13.60 -11.88
N SER A 99 13.92 -14.45 -12.30
CA SER A 99 14.99 -14.88 -11.40
C SER A 99 15.86 -13.67 -11.03
N ASP A 100 15.97 -12.70 -11.94
CA ASP A 100 16.75 -11.50 -11.68
C ASP A 100 16.10 -10.71 -10.56
N CYS A 101 14.77 -10.65 -10.58
CA CYS A 101 14.03 -9.91 -9.57
C CYS A 101 14.03 -10.64 -8.24
N GLU A 102 13.99 -11.96 -8.28
CA GLU A 102 14.01 -12.75 -7.06
C GLU A 102 15.32 -12.44 -6.33
N LEU A 103 16.33 -12.11 -7.13
CA LEU A 103 17.64 -11.78 -6.63
C LEU A 103 17.61 -10.44 -5.88
N ILE A 104 16.85 -9.49 -6.41
CA ILE A 104 16.72 -8.18 -5.79
C ILE A 104 15.99 -8.31 -4.46
N VAL A 105 14.93 -9.12 -4.43
CA VAL A 105 14.17 -9.32 -3.21
C VAL A 105 15.02 -9.97 -2.13
N LYS A 106 15.80 -10.98 -2.52
CA LYS A 106 16.68 -11.65 -1.57
C LYS A 106 17.68 -10.68 -0.98
N ALA A 107 18.19 -9.77 -1.82
CA ALA A 107 19.17 -8.79 -1.38
C ALA A 107 18.56 -7.87 -0.32
N MET A 108 17.33 -7.42 -0.54
CA MET A 108 16.68 -6.54 0.41
C MET A 108 16.40 -7.28 1.71
N GLN A 109 16.06 -8.57 1.60
CA GLN A 109 15.80 -9.35 2.79
C GLN A 109 17.09 -9.53 3.57
N GLY A 110 18.17 -9.83 2.84
CA GLY A 110 19.46 -10.01 3.47
C GLY A 110 19.92 -8.74 4.14
N LEU A 111 19.65 -7.62 3.50
CA LEU A 111 20.03 -6.30 4.01
C LEU A 111 19.47 -6.04 5.41
N LEU A 112 18.20 -6.40 5.63
CA LEU A 112 17.54 -6.14 6.91
C LEU A 112 17.49 -7.30 7.90
N LYS A 113 18.15 -8.41 7.57
CA LYS A 113 18.14 -9.57 8.46
C LYS A 113 18.78 -9.29 9.81
N ASP A 114 18.14 -9.74 10.89
CA ASP A 114 18.69 -9.53 12.22
C ASP A 114 20.14 -9.97 12.31
N GLY A 115 20.93 -9.16 13.00
CA GLY A 115 22.34 -9.48 13.16
C GLY A 115 23.23 -8.73 12.21
N ASN A 116 22.71 -8.42 11.02
CA ASN A 116 23.51 -7.70 10.04
C ASN A 116 23.71 -6.23 10.39
N PRO A 117 24.78 -5.61 9.88
CA PRO A 117 25.12 -4.20 10.13
C PRO A 117 24.02 -3.15 10.22
N ILE A 118 23.34 -2.89 9.10
CA ILE A 118 22.29 -1.88 9.07
C ILE A 118 21.15 -2.02 10.08
N PRO A 119 20.42 -3.14 10.09
CA PRO A 119 19.35 -3.24 11.08
C PRO A 119 19.87 -3.09 12.50
N SER A 120 21.10 -3.51 12.72
CA SER A 120 21.70 -3.38 14.05
C SER A 120 21.91 -1.93 14.43
N ALA A 121 22.46 -1.15 13.52
CA ALA A 121 22.70 0.27 13.77
C ALA A 121 21.38 1.00 14.00
N ILE A 122 20.41 0.76 13.12
CA ILE A 122 19.11 1.41 13.26
C ILE A 122 18.50 1.13 14.63
N ALA A 123 18.45 -0.14 15.00
CA ALA A 123 17.87 -0.55 16.29
C ALA A 123 18.59 -0.02 17.53
N ALA A 124 19.77 0.55 17.36
CA ALA A 124 20.51 1.07 18.49
C ALA A 124 20.72 2.57 18.41
N ASN A 125 19.97 3.25 17.53
CA ASN A 125 20.12 4.69 17.36
C ASN A 125 21.59 4.98 17.10
N SER A 126 22.16 4.30 16.12
CA SER A 126 23.58 4.47 15.82
C SER A 126 23.90 4.48 14.33
N GLY A 127 25.13 4.89 13.99
CA GLY A 127 25.54 4.88 12.61
C GLY A 127 26.44 3.66 12.40
N ILE A 128 26.99 3.50 11.20
CA ILE A 128 27.86 2.37 10.95
C ILE A 128 29.31 2.84 11.14
N TYR A 129 30.05 2.14 12.00
CA TYR A 129 31.44 2.50 12.22
C TYR A 129 32.26 1.26 12.53
N ALA B 1 28.29 -1.30 18.11
CA ALA B 1 29.50 -1.64 18.91
C ALA B 1 30.75 -1.69 18.02
N SER B 2 30.50 -1.69 16.71
CA SER B 2 31.50 -1.74 15.65
C SER B 2 30.89 -2.68 14.64
N ASN B 3 29.93 -2.15 13.92
CA ASN B 3 29.16 -2.92 12.96
C ASN B 3 29.63 -2.91 11.51
N PHE B 4 30.66 -2.15 11.19
CA PHE B 4 31.09 -2.10 9.80
C PHE B 4 31.85 -3.35 9.39
N THR B 5 31.10 -4.43 9.19
CA THR B 5 31.70 -5.71 8.82
C THR B 5 31.02 -6.35 7.61
N GLN B 6 31.69 -7.34 7.07
CA GLN B 6 31.22 -8.10 5.92
C GLN B 6 29.97 -8.88 6.33
N PHE B 7 29.05 -9.07 5.38
CA PHE B 7 27.84 -9.83 5.67
C PHE B 7 27.26 -10.45 4.41
N VAL B 8 26.32 -11.38 4.59
CA VAL B 8 25.68 -12.06 3.47
C VAL B 8 24.50 -11.24 2.99
N LEU B 9 24.59 -10.73 1.77
CA LEU B 9 23.52 -9.93 1.20
C LEU B 9 22.48 -10.84 0.58
N VAL B 10 22.91 -11.74 -0.29
CA VAL B 10 22.02 -12.68 -0.94
C VAL B 10 22.32 -14.07 -0.41
N ASP B 11 21.38 -14.60 0.37
CA ASP B 11 21.55 -15.91 0.95
C ASP B 11 20.89 -17.01 0.15
N ASN B 12 21.70 -17.96 -0.30
CA ASN B 12 21.22 -19.10 -1.06
C ASN B 12 21.60 -20.38 -0.34
N GLY B 13 21.60 -20.33 0.99
CA GLY B 13 21.94 -21.49 1.79
C GLY B 13 23.40 -21.91 1.61
N GLY B 14 24.31 -21.14 2.20
CA GLY B 14 25.73 -21.45 2.13
C GLY B 14 26.37 -21.47 0.74
N THR B 15 26.07 -22.51 -0.02
CA THR B 15 26.61 -22.65 -1.35
C THR B 15 25.95 -21.67 -2.33
N GLY B 16 26.73 -20.72 -2.82
CA GLY B 16 26.22 -19.75 -3.77
C GLY B 16 25.73 -18.44 -3.17
N ASP B 17 26.16 -18.14 -1.95
CA ASP B 17 25.74 -16.90 -1.30
C ASP B 17 26.51 -15.71 -1.88
N VAL B 18 25.88 -14.54 -1.85
CA VAL B 18 26.55 -13.34 -2.31
C VAL B 18 26.97 -12.59 -1.05
N THR B 19 28.26 -12.43 -0.88
CA THR B 19 28.79 -11.73 0.28
C THR B 19 29.23 -10.34 -0.10
N VAL B 20 29.09 -9.42 0.84
CA VAL B 20 29.45 -8.04 0.58
C VAL B 20 30.37 -7.57 1.71
N ALA B 21 31.45 -6.87 1.36
CA ALA B 21 32.42 -6.42 2.37
C ALA B 21 32.81 -4.94 2.35
N PRO B 22 33.21 -4.38 3.51
CA PRO B 22 33.61 -2.98 3.62
C PRO B 22 34.57 -2.61 2.50
N SER B 23 34.26 -1.53 1.78
CA SER B 23 35.10 -1.10 0.68
C SER B 23 35.37 0.40 0.66
N ASN B 24 34.74 1.14 1.56
CA ASN B 24 34.96 2.58 1.61
C ASN B 24 34.29 3.20 2.80
N PHE B 25 34.92 4.22 3.38
CA PHE B 25 34.33 4.91 4.52
C PHE B 25 34.53 6.41 4.38
N ALA B 26 34.75 6.84 3.14
CA ALA B 26 34.95 8.25 2.87
C ALA B 26 33.68 9.03 3.22
N ASN B 27 33.87 10.16 3.89
CA ASN B 27 32.77 11.03 4.30
C ASN B 27 31.83 10.41 5.31
N GLY B 28 32.27 9.32 5.93
CA GLY B 28 31.43 8.67 6.91
C GLY B 28 30.37 7.78 6.29
N VAL B 29 30.35 7.70 4.97
CA VAL B 29 29.38 6.86 4.31
C VAL B 29 29.99 5.46 4.18
N ALA B 30 29.35 4.48 4.81
CA ALA B 30 29.85 3.12 4.75
C ALA B 30 29.45 2.48 3.43
N GLU B 31 30.42 1.83 2.79
CA GLU B 31 30.16 1.16 1.52
C GLU B 31 30.59 -0.30 1.61
N TRP B 32 29.85 -1.16 0.93
CA TRP B 32 30.13 -2.58 0.88
C TRP B 32 29.96 -2.99 -0.59
N ILE B 33 30.86 -3.81 -1.12
CA ILE B 33 30.70 -4.29 -2.50
C ILE B 33 31.04 -5.75 -2.54
N SER B 34 30.49 -6.45 -3.52
CA SER B 34 30.79 -7.86 -3.68
C SER B 34 32.11 -7.91 -4.43
N SER B 35 32.64 -9.10 -4.65
CA SER B 35 33.92 -9.24 -5.32
C SER B 35 33.73 -9.34 -6.84
N ASN B 36 33.59 -8.18 -7.48
CA ASN B 36 33.37 -8.12 -8.93
C ASN B 36 33.95 -6.82 -9.44
N SER B 37 33.70 -6.56 -10.71
CA SER B 37 34.12 -5.30 -11.30
C SER B 37 33.01 -4.40 -10.78
N ARG B 38 33.30 -3.13 -10.53
CA ARG B 38 32.26 -2.27 -9.99
C ARG B 38 31.04 -2.16 -10.89
N SER B 39 31.19 -2.51 -12.16
CA SER B 39 30.07 -2.44 -13.08
C SER B 39 29.14 -3.63 -12.90
N GLN B 40 29.64 -4.71 -12.30
CA GLN B 40 28.82 -5.90 -12.12
C GLN B 40 28.63 -6.31 -10.67
N ALA B 41 29.15 -5.52 -9.74
CA ALA B 41 29.05 -5.89 -8.32
C ALA B 41 27.75 -5.56 -7.65
N TYR B 42 27.61 -6.08 -6.43
CA TYR B 42 26.47 -5.79 -5.58
C TYR B 42 27.06 -4.68 -4.71
N LYS B 43 26.33 -3.59 -4.54
CA LYS B 43 26.85 -2.53 -3.69
C LYS B 43 25.83 -2.08 -2.68
N VAL B 44 26.31 -1.78 -1.48
CA VAL B 44 25.45 -1.30 -0.40
C VAL B 44 26.14 -0.11 0.28
N THR B 45 25.39 0.97 0.50
CA THR B 45 25.96 2.13 1.19
C THR B 45 24.95 2.59 2.22
N CYS B 46 25.44 3.20 3.29
CA CYS B 46 24.56 3.66 4.37
C CYS B 46 25.14 4.82 5.17
N SER B 47 24.26 5.70 5.65
CA SER B 47 24.66 6.86 6.45
C SER B 47 23.45 7.46 7.16
N VAL B 48 23.71 8.17 8.25
CA VAL B 48 22.63 8.79 9.03
C VAL B 48 23.01 10.22 9.31
N ARG B 49 22.01 11.07 9.39
CA ARG B 49 22.25 12.47 9.69
C ARG B 49 20.95 13.01 10.28
N GLN B 50 21.02 14.15 10.95
CA GLN B 50 19.79 14.70 11.49
C GLN B 50 19.24 15.57 10.37
N SER B 51 18.20 15.07 9.71
CA SER B 51 17.60 15.77 8.58
C SER B 51 16.87 17.04 8.98
N SER B 52 16.51 17.15 10.27
CA SER B 52 15.81 18.33 10.74
C SER B 52 15.83 18.40 12.26
N ALA B 53 15.14 19.39 12.79
CA ALA B 53 15.09 19.61 14.23
C ALA B 53 14.52 18.41 14.98
N GLN B 54 13.46 17.82 14.45
CA GLN B 54 12.82 16.70 15.13
C GLN B 54 13.12 15.32 14.56
N ASN B 55 13.82 15.26 13.43
CA ASN B 55 14.09 13.95 12.81
C ASN B 55 15.52 13.62 12.44
N ARG B 56 15.82 12.33 12.51
CA ARG B 56 17.11 11.79 12.09
C ARG B 56 16.71 11.06 10.81
N LYS B 57 17.64 10.86 9.90
CA LYS B 57 17.28 10.16 8.68
C LYS B 57 18.36 9.25 8.13
N TYR B 58 18.00 7.98 7.94
CA TYR B 58 18.92 6.99 7.38
C TYR B 58 18.76 6.98 5.88
N THR B 59 19.87 6.92 5.16
CA THR B 59 19.80 6.84 3.71
C THR B 59 20.54 5.58 3.35
N ILE B 60 19.82 4.64 2.76
CA ILE B 60 20.39 3.37 2.37
C ILE B 60 20.23 3.16 0.88
N LYS B 61 21.31 2.78 0.21
CA LYS B 61 21.26 2.54 -1.21
C LYS B 61 21.80 1.16 -1.51
N VAL B 62 21.20 0.49 -2.50
CA VAL B 62 21.63 -0.83 -2.91
C VAL B 62 21.61 -0.95 -4.43
N GLU B 63 22.62 -1.60 -4.99
CA GLU B 63 22.72 -1.81 -6.43
C GLU B 63 22.84 -3.30 -6.68
N VAL B 64 21.89 -3.85 -7.42
CA VAL B 64 21.90 -5.28 -7.73
C VAL B 64 22.10 -5.48 -9.21
N PRO B 65 23.03 -6.37 -9.59
CA PRO B 65 23.32 -6.65 -11.01
C PRO B 65 22.29 -7.56 -11.67
N LYS B 66 22.12 -7.40 -12.99
CA LYS B 66 21.22 -8.27 -13.73
C LYS B 66 22.13 -9.44 -14.07
N VAL B 67 21.76 -10.63 -13.62
CA VAL B 67 22.60 -11.80 -13.86
C VAL B 67 22.27 -12.65 -15.08
N ALA B 68 20.98 -12.77 -15.42
CA ALA B 68 20.59 -13.57 -16.58
C ALA B 68 21.33 -13.09 -17.84
N THR B 69 22.04 -14.03 -18.47
CA THR B 69 22.83 -13.81 -19.69
C THR B 69 24.04 -12.92 -19.48
N GLN B 70 24.35 -12.64 -18.23
CA GLN B 70 25.51 -11.83 -17.90
C GLN B 70 26.80 -12.49 -18.39
N THR B 71 27.84 -11.69 -18.64
CA THR B 71 29.14 -12.20 -19.06
C THR B 71 30.14 -11.69 -18.04
N VAL B 72 30.51 -12.54 -17.09
CA VAL B 72 31.42 -12.15 -16.04
C VAL B 72 32.68 -11.44 -16.50
N GLY B 73 32.85 -10.21 -15.99
CA GLY B 73 34.02 -9.43 -16.34
C GLY B 73 33.96 -8.73 -17.68
N GLY B 74 32.85 -8.85 -18.39
CA GLY B 74 32.74 -8.20 -19.69
C GLY B 74 32.23 -6.77 -19.63
N VAL B 75 32.35 -6.06 -20.74
CA VAL B 75 31.86 -4.69 -20.80
C VAL B 75 30.42 -4.73 -21.31
N GLU B 76 29.47 -4.55 -20.41
CA GLU B 76 28.05 -4.59 -20.78
C GLU B 76 27.41 -3.20 -20.82
N LEU B 77 26.99 -2.77 -22.01
CA LEU B 77 26.33 -1.47 -22.16
C LEU B 77 24.97 -1.69 -22.78
N PRO B 78 24.00 -0.81 -22.50
CA PRO B 78 24.08 0.38 -21.64
C PRO B 78 23.97 -0.02 -20.18
N VAL B 79 24.72 0.66 -19.33
CA VAL B 79 24.72 0.37 -17.90
C VAL B 79 23.32 0.25 -17.31
N ALA B 80 22.41 1.11 -17.75
CA ALA B 80 21.05 1.13 -17.24
C ALA B 80 20.26 -0.14 -17.51
N ALA B 81 20.74 -0.96 -18.45
CA ALA B 81 20.04 -2.20 -18.78
C ALA B 81 20.50 -3.36 -17.90
N TRP B 82 21.66 -3.21 -17.27
CA TRP B 82 22.21 -4.29 -16.46
C TRP B 82 22.23 -4.05 -14.97
N ARG B 83 21.50 -3.05 -14.49
CA ARG B 83 21.52 -2.78 -13.06
C ARG B 83 20.22 -2.29 -12.45
N SER B 84 19.97 -2.70 -11.22
CA SER B 84 18.78 -2.29 -10.50
C SER B 84 19.23 -1.46 -9.31
N TYR B 85 18.49 -0.40 -9.01
CA TYR B 85 18.85 0.45 -7.88
C TYR B 85 17.75 0.59 -6.86
N LEU B 86 18.13 0.43 -5.59
CA LEU B 86 17.21 0.56 -4.49
C LEU B 86 17.69 1.74 -3.66
N ALA B 87 16.77 2.63 -3.32
CA ALA B 87 17.10 3.80 -2.52
C ALA B 87 16.12 3.91 -1.38
N MET B 88 16.59 3.68 -0.17
CA MET B 88 15.75 3.77 1.01
C MET B 88 16.03 5.02 1.84
N LYS B 89 14.96 5.59 2.37
CA LYS B 89 15.09 6.75 3.24
C LYS B 89 14.19 6.52 4.43
N LEU B 90 14.81 6.35 5.58
CA LEU B 90 14.12 6.09 6.83
C LEU B 90 14.20 7.32 7.72
N THR B 91 13.05 7.93 7.99
CA THR B 91 12.99 9.11 8.84
C THR B 91 12.50 8.69 10.22
N ILE B 92 13.25 9.03 11.25
CA ILE B 92 12.88 8.67 12.61
C ILE B 92 12.93 9.85 13.56
N PRO B 93 11.81 10.14 14.24
CA PRO B 93 11.72 11.25 15.19
C PRO B 93 12.75 11.08 16.30
N ILE B 94 13.34 12.18 16.74
CA ILE B 94 14.35 12.15 17.78
C ILE B 94 13.84 11.60 19.11
N PHE B 95 12.53 11.34 19.21
CA PHE B 95 11.95 10.82 20.45
C PHE B 95 11.90 9.30 20.47
N ALA B 96 12.27 8.66 19.36
CA ALA B 96 12.24 7.21 19.27
C ALA B 96 13.33 6.58 20.11
N THR B 97 12.93 5.68 20.99
CA THR B 97 13.85 4.98 21.87
C THR B 97 14.41 3.77 21.12
N ASN B 98 15.37 3.08 21.71
CA ASN B 98 15.94 1.90 21.08
C ASN B 98 14.82 0.92 20.78
N SER B 99 13.87 0.81 21.70
CA SER B 99 12.73 -0.07 21.51
C SER B 99 11.91 0.36 20.32
N ASP B 100 11.59 1.66 20.27
CA ASP B 100 10.81 2.18 19.15
C ASP B 100 11.52 1.81 17.85
N CYS B 101 12.84 1.96 17.82
CA CYS B 101 13.59 1.65 16.63
C CYS B 101 13.61 0.16 16.29
N GLU B 102 13.60 -0.67 17.33
CA GLU B 102 13.59 -2.10 17.10
C GLU B 102 12.32 -2.50 16.37
N LEU B 103 11.21 -1.84 16.71
CA LEU B 103 9.93 -2.13 16.08
C LEU B 103 9.93 -1.64 14.63
N ILE B 104 10.55 -0.51 14.38
CA ILE B 104 10.63 0.04 13.03
C ILE B 104 11.39 -0.94 12.15
N VAL B 105 12.44 -1.56 12.69
CA VAL B 105 13.22 -2.52 11.93
C VAL B 105 12.34 -3.74 11.64
N LYS B 106 11.58 -4.18 12.63
CA LYS B 106 10.70 -5.32 12.43
C LYS B 106 9.69 -5.03 11.32
N ALA B 107 9.13 -3.82 11.33
CA ALA B 107 8.17 -3.46 10.29
C ALA B 107 8.83 -3.63 8.93
N MET B 108 10.08 -3.19 8.80
CA MET B 108 10.79 -3.33 7.53
C MET B 108 11.00 -4.78 7.14
N GLN B 109 11.29 -5.63 8.13
CA GLN B 109 11.51 -7.03 7.87
C GLN B 109 10.20 -7.66 7.42
N GLY B 110 9.11 -7.36 8.13
CA GLY B 110 7.82 -7.90 7.76
C GLY B 110 7.41 -7.46 6.35
N LEU B 111 7.65 -6.20 6.04
CA LEU B 111 7.31 -5.69 4.74
C LEU B 111 7.92 -6.55 3.63
N LEU B 112 9.16 -6.98 3.82
CA LEU B 112 9.86 -7.76 2.81
C LEU B 112 9.93 -9.27 3.04
N LYS B 113 9.31 -9.76 4.10
CA LYS B 113 9.35 -11.19 4.36
C LYS B 113 8.81 -11.97 3.18
N ASP B 114 9.46 -13.10 2.90
CA ASP B 114 9.06 -13.95 1.80
C ASP B 114 7.61 -14.40 1.93
N GLY B 115 6.86 -14.28 0.85
CA GLY B 115 5.46 -14.68 0.87
C GLY B 115 4.49 -13.53 1.04
N ASN B 116 4.99 -12.37 1.40
CA ASN B 116 4.11 -11.22 1.55
C ASN B 116 3.90 -10.51 0.22
N PRO B 117 2.84 -9.71 0.11
CA PRO B 117 2.48 -8.95 -1.09
C PRO B 117 3.59 -8.24 -1.88
N ILE B 118 4.23 -7.25 -1.26
CA ILE B 118 5.28 -6.47 -1.93
C ILE B 118 6.41 -7.30 -2.55
N PRO B 119 7.09 -8.14 -1.75
CA PRO B 119 8.17 -8.92 -2.35
C PRO B 119 7.67 -9.90 -3.41
N SER B 120 6.43 -10.35 -3.26
CA SER B 120 5.86 -11.28 -4.23
C SER B 120 5.58 -10.59 -5.54
N ALA B 121 5.22 -9.32 -5.48
CA ALA B 121 4.94 -8.56 -6.69
C ALA B 121 6.24 -8.29 -7.44
N ILE B 122 7.23 -7.76 -6.72
CA ILE B 122 8.52 -7.46 -7.32
C ILE B 122 9.13 -8.71 -7.95
N ALA B 123 9.13 -9.80 -7.20
CA ALA B 123 9.71 -11.04 -7.66
C ALA B 123 9.02 -11.65 -8.87
N ALA B 124 7.88 -11.09 -9.27
CA ALA B 124 7.15 -11.63 -10.41
C ALA B 124 6.93 -10.59 -11.52
N ASN B 125 7.71 -9.51 -11.49
CA ASN B 125 7.57 -8.46 -12.48
C ASN B 125 6.13 -7.98 -12.52
N SER B 126 5.50 -7.90 -11.36
CA SER B 126 4.10 -7.48 -11.28
C SER B 126 3.80 -6.29 -10.39
N GLY B 127 2.57 -5.85 -10.47
CA GLY B 127 2.10 -4.75 -9.64
C GLY B 127 1.16 -5.45 -8.68
N ILE B 128 0.26 -4.71 -8.05
CA ILE B 128 -0.69 -5.32 -7.14
C ILE B 128 -1.97 -5.58 -7.92
N TYR B 129 -2.58 -6.73 -7.70
CA TYR B 129 -3.83 -7.09 -8.38
C TYR B 129 -4.62 -8.05 -7.52
N ALA C 1 -7.26 -10.32 -2.05
CA ALA C 1 -8.48 -9.73 -1.44
C ALA C 1 -9.02 -8.57 -2.28
N SER C 2 -10.33 -8.34 -2.21
CA SER C 2 -10.96 -7.27 -2.97
C SER C 2 -12.40 -7.04 -2.56
N ASN C 3 -12.81 -5.78 -2.57
CA ASN C 3 -14.18 -5.45 -2.22
C ASN C 3 -14.81 -4.76 -3.43
N PHE C 4 -14.10 -4.79 -4.55
CA PHE C 4 -14.60 -4.22 -5.79
C PHE C 4 -15.14 -5.39 -6.58
N THR C 5 -16.15 -6.03 -5.99
CA THR C 5 -16.77 -7.22 -6.56
C THR C 5 -18.22 -6.92 -6.93
N GLN C 6 -18.87 -7.86 -7.61
CA GLN C 6 -20.26 -7.61 -7.94
C GLN C 6 -21.15 -8.01 -6.78
N PHE C 7 -22.28 -7.31 -6.64
CA PHE C 7 -23.20 -7.59 -5.56
C PHE C 7 -24.64 -7.37 -5.98
N VAL C 8 -25.56 -7.82 -5.13
CA VAL C 8 -26.97 -7.68 -5.40
C VAL C 8 -27.44 -6.31 -4.89
N LEU C 9 -27.87 -5.47 -5.81
CA LEU C 9 -28.35 -4.13 -5.46
C LEU C 9 -29.80 -4.19 -5.03
N VAL C 10 -30.60 -4.93 -5.78
CA VAL C 10 -32.02 -5.07 -5.47
C VAL C 10 -32.33 -6.53 -5.30
N ASP C 11 -32.85 -6.90 -4.15
CA ASP C 11 -33.18 -8.29 -3.87
C ASP C 11 -34.68 -8.55 -4.00
N ASN C 12 -35.06 -9.42 -4.93
CA ASN C 12 -36.46 -9.77 -5.13
C ASN C 12 -36.58 -11.29 -5.17
N GLY C 13 -36.42 -11.91 -4.01
CA GLY C 13 -36.49 -13.35 -3.94
C GLY C 13 -35.17 -13.86 -4.49
N GLY C 14 -35.23 -14.87 -5.36
CA GLY C 14 -34.02 -15.41 -5.96
C GLY C 14 -33.89 -14.89 -7.38
N THR C 15 -35.03 -14.78 -8.04
CA THR C 15 -35.11 -14.29 -9.40
C THR C 15 -35.88 -12.96 -9.45
N GLY C 16 -35.36 -12.02 -10.23
CA GLY C 16 -35.96 -10.70 -10.32
C GLY C 16 -35.01 -9.79 -9.56
N ASP C 17 -33.85 -10.36 -9.25
CA ASP C 17 -32.79 -9.67 -8.52
C ASP C 17 -31.93 -8.84 -9.43
N VAL C 18 -31.67 -7.59 -9.04
CA VAL C 18 -30.83 -6.72 -9.83
C VAL C 18 -29.41 -6.83 -9.29
N THR C 19 -28.49 -7.24 -10.16
CA THR C 19 -27.10 -7.35 -9.77
C THR C 19 -26.30 -6.33 -10.52
N VAL C 20 -25.30 -5.78 -9.85
CA VAL C 20 -24.48 -4.77 -10.48
C VAL C 20 -23.01 -5.22 -10.36
N ALA C 21 -22.26 -5.09 -11.45
CA ALA C 21 -20.86 -5.53 -11.47
C ALA C 21 -19.84 -4.42 -11.75
N PRO C 22 -18.60 -4.60 -11.26
CA PRO C 22 -17.53 -3.61 -11.47
C PRO C 22 -17.39 -3.27 -12.94
N SER C 23 -17.23 -2.00 -13.26
CA SER C 23 -17.10 -1.63 -14.66
C SER C 23 -16.02 -0.61 -14.89
N ASN C 24 -15.66 0.15 -13.87
CA ASN C 24 -14.66 1.16 -14.06
C ASN C 24 -14.15 1.68 -12.73
N PHE C 25 -12.90 2.11 -12.67
CA PHE C 25 -12.33 2.62 -11.44
C PHE C 25 -11.38 3.77 -11.75
N ALA C 26 -11.77 4.64 -12.66
CA ALA C 26 -10.94 5.77 -13.05
C ALA C 26 -11.02 6.94 -12.08
N ASN C 27 -9.87 7.52 -11.78
CA ASN C 27 -9.79 8.68 -10.89
C ASN C 27 -10.21 8.37 -9.48
N GLY C 28 -9.93 7.16 -9.02
CA GLY C 28 -10.32 6.83 -7.66
C GLY C 28 -11.82 6.76 -7.47
N VAL C 29 -12.56 6.60 -8.55
CA VAL C 29 -14.02 6.50 -8.46
C VAL C 29 -14.49 5.13 -8.93
N ALA C 30 -14.93 4.31 -7.98
CA ALA C 30 -15.40 2.96 -8.27
C ALA C 30 -16.80 3.01 -8.87
N GLU C 31 -17.01 2.26 -9.94
CA GLU C 31 -18.29 2.23 -10.62
C GLU C 31 -18.80 0.82 -10.91
N TRP C 32 -20.06 0.59 -10.59
CA TRP C 32 -20.73 -0.69 -10.81
C TRP C 32 -21.90 -0.45 -11.76
N ILE C 33 -22.13 -1.38 -12.69
CA ILE C 33 -23.24 -1.25 -13.65
C ILE C 33 -23.96 -2.60 -13.81
N SER C 34 -25.29 -2.57 -13.87
CA SER C 34 -26.03 -3.82 -14.06
C SER C 34 -25.86 -4.24 -15.52
N SER C 35 -26.20 -5.48 -15.85
CA SER C 35 -26.02 -5.95 -17.22
C SER C 35 -27.06 -5.51 -18.24
N ASN C 36 -26.76 -5.80 -19.50
CA ASN C 36 -27.58 -5.46 -20.66
C ASN C 36 -27.40 -4.02 -21.09
N SER C 37 -28.29 -3.53 -21.94
CA SER C 37 -28.20 -2.16 -22.42
C SER C 37 -27.74 -1.17 -21.35
N ARG C 38 -26.58 -0.57 -21.58
CA ARG C 38 -26.05 0.41 -20.64
C ARG C 38 -27.12 1.46 -20.42
N SER C 39 -27.94 1.69 -21.45
CA SER C 39 -29.01 2.67 -21.38
C SER C 39 -30.10 2.37 -20.36
N GLN C 40 -30.27 1.10 -19.99
CA GLN C 40 -31.29 0.73 -19.02
C GLN C 40 -30.66 0.15 -17.77
N ALA C 41 -29.38 0.38 -17.58
CA ALA C 41 -28.70 -0.20 -16.45
C ALA C 41 -28.79 0.59 -15.15
N TYR C 42 -28.58 -0.12 -14.05
CA TYR C 42 -28.57 0.49 -12.73
C TYR C 42 -27.10 0.87 -12.57
N LYS C 43 -26.84 1.95 -11.85
CA LYS C 43 -25.46 2.39 -11.67
C LYS C 43 -25.17 2.75 -10.23
N VAL C 44 -23.96 2.43 -9.78
CA VAL C 44 -23.54 2.75 -8.43
C VAL C 44 -22.10 3.22 -8.51
N THR C 45 -21.77 4.29 -7.80
CA THR C 45 -20.40 4.78 -7.80
C THR C 45 -20.02 5.13 -6.38
N CYS C 46 -18.73 4.98 -6.07
CA CYS C 46 -18.25 5.26 -4.74
C CYS C 46 -16.81 5.78 -4.72
N SER C 47 -16.51 6.63 -3.74
CA SER C 47 -15.16 7.16 -3.58
C SER C 47 -14.96 7.80 -2.21
N VAL C 48 -13.70 7.87 -1.78
CA VAL C 48 -13.36 8.46 -0.50
C VAL C 48 -12.21 9.40 -0.69
N ARG C 49 -12.13 10.42 0.15
CA ARG C 49 -11.04 11.34 0.08
C ARG C 49 -10.90 12.07 1.40
N GLN C 50 -9.70 12.54 1.69
CA GLN C 50 -9.44 13.29 2.91
C GLN C 50 -10.04 14.65 2.59
N SER C 51 -11.24 14.91 3.12
CA SER C 51 -11.93 16.17 2.85
C SER C 51 -11.29 17.34 3.61
N SER C 52 -10.55 17.02 4.66
CA SER C 52 -9.88 18.04 5.45
C SER C 52 -8.83 17.38 6.32
N ALA C 53 -8.22 18.17 7.21
CA ALA C 53 -7.19 17.65 8.08
C ALA C 53 -7.68 16.54 8.98
N GLN C 54 -8.90 16.66 9.49
CA GLN C 54 -9.39 15.63 10.38
C GLN C 54 -10.58 14.84 9.88
N ASN C 55 -10.97 15.07 8.63
CA ASN C 55 -12.11 14.36 8.08
C ASN C 55 -11.87 13.66 6.76
N ARG C 56 -12.50 12.50 6.64
CA ARG C 56 -12.46 11.72 5.41
C ARG C 56 -13.91 11.81 4.95
N LYS C 57 -14.14 11.75 3.66
CA LYS C 57 -15.48 11.90 3.16
C LYS C 57 -15.81 10.92 2.06
N TYR C 58 -16.93 10.22 2.23
CA TYR C 58 -17.38 9.26 1.23
C TYR C 58 -18.43 9.89 0.33
N THR C 59 -18.45 9.50 -0.93
CA THR C 59 -19.44 9.99 -1.87
C THR C 59 -20.03 8.78 -2.61
N ILE C 60 -21.25 8.41 -2.24
CA ILE C 60 -21.93 7.26 -2.83
C ILE C 60 -23.06 7.76 -3.71
N LYS C 61 -23.21 7.15 -4.88
CA LYS C 61 -24.29 7.54 -5.79
C LYS C 61 -24.94 6.32 -6.39
N VAL C 62 -26.26 6.39 -6.56
CA VAL C 62 -27.01 5.29 -7.14
C VAL C 62 -28.05 5.82 -8.11
N GLU C 63 -28.23 5.12 -9.22
CA GLU C 63 -29.19 5.49 -10.24
C GLU C 63 -30.11 4.32 -10.53
N VAL C 64 -31.41 4.52 -10.31
CA VAL C 64 -32.38 3.47 -10.59
C VAL C 64 -33.18 3.91 -11.81
N PRO C 65 -33.14 3.12 -12.89
CA PRO C 65 -33.86 3.42 -14.12
C PRO C 65 -35.26 2.85 -14.21
N LYS C 66 -36.05 3.48 -15.06
CA LYS C 66 -37.43 3.04 -15.32
C LYS C 66 -37.35 2.51 -16.76
N VAL C 67 -37.17 1.21 -16.88
CA VAL C 67 -37.05 0.58 -18.19
C VAL C 67 -38.22 0.86 -19.11
N ALA C 68 -37.91 1.09 -20.38
CA ALA C 68 -38.93 1.38 -21.37
C ALA C 68 -38.41 1.29 -22.80
N THR C 69 -39.32 1.33 -23.76
CA THR C 69 -38.94 1.29 -25.16
C THR C 69 -39.32 2.58 -25.86
N GLN C 70 -38.32 3.21 -26.47
CA GLN C 70 -38.55 4.45 -27.16
C GLN C 70 -38.71 4.20 -28.64
N THR C 71 -39.76 4.74 -29.22
CA THR C 71 -40.01 4.55 -30.64
C THR C 71 -40.10 5.90 -31.31
N VAL C 72 -39.25 6.11 -32.31
CA VAL C 72 -39.22 7.35 -33.04
C VAL C 72 -38.96 7.05 -34.50
N GLY C 73 -39.88 7.47 -35.36
CA GLY C 73 -39.72 7.22 -36.77
C GLY C 73 -39.84 5.73 -37.08
N GLY C 74 -40.43 4.98 -36.16
CA GLY C 74 -40.58 3.56 -36.39
C GLY C 74 -39.40 2.75 -35.90
N VAL C 75 -38.36 3.44 -35.45
CA VAL C 75 -37.18 2.77 -34.94
C VAL C 75 -37.32 2.69 -33.43
N GLU C 76 -37.12 1.53 -32.84
CA GLU C 76 -37.22 1.45 -31.39
C GLU C 76 -35.91 1.07 -30.71
N LEU C 77 -35.68 1.69 -29.55
CA LEU C 77 -34.47 1.48 -28.76
C LEU C 77 -34.75 1.24 -27.29
N PRO C 78 -33.90 0.46 -26.62
CA PRO C 78 -34.05 0.19 -25.19
C PRO C 78 -33.57 1.45 -24.49
N VAL C 79 -34.45 2.10 -23.75
CA VAL C 79 -34.05 3.32 -23.05
C VAL C 79 -34.60 3.30 -21.63
N ALA C 80 -34.34 4.37 -20.91
CA ALA C 80 -34.86 4.50 -19.56
C ALA C 80 -35.85 5.67 -19.65
N ALA C 81 -37.14 5.39 -19.39
CA ALA C 81 -38.15 6.44 -19.45
C ALA C 81 -37.67 7.63 -18.63
N TRP C 82 -37.08 7.33 -17.47
CA TRP C 82 -36.54 8.34 -16.59
C TRP C 82 -35.68 7.64 -15.57
N ARG C 83 -34.95 8.41 -14.77
CA ARG C 83 -34.10 7.83 -13.74
C ARG C 83 -34.30 8.49 -12.40
N SER C 84 -34.12 7.70 -11.35
CA SER C 84 -34.25 8.19 -9.99
C SER C 84 -32.80 8.31 -9.50
N TYR C 85 -32.44 9.45 -8.93
CA TYR C 85 -31.06 9.65 -8.49
C TYR C 85 -30.83 9.76 -6.99
N LEU C 86 -29.91 8.96 -6.47
CA LEU C 86 -29.55 9.00 -5.06
C LEU C 86 -28.12 9.49 -4.95
N ALA C 87 -27.86 10.40 -4.02
CA ALA C 87 -26.50 10.91 -3.84
C ALA C 87 -26.25 11.14 -2.36
N MET C 88 -25.29 10.42 -1.78
CA MET C 88 -25.01 10.66 -0.38
C MET C 88 -23.57 11.00 -0.07
N LYS C 89 -23.41 11.88 0.92
CA LYS C 89 -22.11 12.34 1.38
C LYS C 89 -21.98 11.90 2.83
N LEU C 90 -20.88 11.22 3.15
CA LEU C 90 -20.65 10.75 4.50
C LEU C 90 -19.30 11.21 5.06
N THR C 91 -19.34 12.12 6.03
CA THR C 91 -18.11 12.64 6.63
C THR C 91 -17.80 11.93 7.94
N ILE C 92 -16.58 11.39 8.04
CA ILE C 92 -16.14 10.67 9.23
C ILE C 92 -14.77 11.14 9.71
N PRO C 93 -14.68 11.67 10.94
CA PRO C 93 -13.43 12.17 11.52
C PRO C 93 -12.37 11.06 11.58
N ILE C 94 -11.11 11.45 11.44
CA ILE C 94 -10.01 10.48 11.47
C ILE C 94 -9.81 9.81 12.82
N PHE C 95 -10.58 10.22 13.83
CA PHE C 95 -10.46 9.64 15.16
C PHE C 95 -11.36 8.42 15.34
N ALA C 96 -12.27 8.22 14.40
CA ALA C 96 -13.20 7.10 14.46
C ALA C 96 -12.46 5.78 14.29
N THR C 97 -12.70 4.88 15.25
CA THR C 97 -12.07 3.57 15.23
C THR C 97 -12.94 2.67 14.38
N ASN C 98 -12.52 1.42 14.22
CA ASN C 98 -13.30 0.49 13.43
C ASN C 98 -14.67 0.30 14.06
N SER C 99 -14.71 0.31 15.39
CA SER C 99 -15.97 0.17 16.11
C SER C 99 -16.89 1.33 15.79
N ASP C 100 -16.35 2.54 15.90
CA ASP C 100 -17.14 3.74 15.63
C ASP C 100 -17.74 3.66 14.22
N CYS C 101 -16.95 3.17 13.27
CA CYS C 101 -17.42 3.07 11.90
C CYS C 101 -18.50 2.03 11.73
N GLU C 102 -18.37 0.93 12.45
CA GLU C 102 -19.36 -0.13 12.38
C GLU C 102 -20.69 0.37 12.90
N LEU C 103 -20.62 1.32 13.83
CA LEU C 103 -21.80 1.92 14.42
C LEU C 103 -22.49 2.84 13.40
N ILE C 104 -21.69 3.67 12.73
CA ILE C 104 -22.19 4.58 11.72
C ILE C 104 -22.92 3.77 10.64
N VAL C 105 -22.36 2.62 10.27
CA VAL C 105 -23.01 1.79 9.26
C VAL C 105 -24.34 1.25 9.77
N LYS C 106 -24.39 0.84 11.03
CA LYS C 106 -25.64 0.34 11.59
C LYS C 106 -26.68 1.46 11.59
N ALA C 107 -26.23 2.69 11.81
CA ALA C 107 -27.16 3.82 11.81
C ALA C 107 -27.77 3.95 10.43
N MET C 108 -26.95 3.82 9.39
CA MET C 108 -27.44 3.92 8.03
C MET C 108 -28.41 2.81 7.69
N GLN C 109 -28.09 1.59 8.12
CA GLN C 109 -28.95 0.46 7.85
C GLN C 109 -30.28 0.59 8.58
N GLY C 110 -30.23 1.14 9.79
CA GLY C 110 -31.43 1.32 10.58
C GLY C 110 -32.33 2.38 9.97
N LEU C 111 -31.72 3.45 9.51
CA LEU C 111 -32.46 4.53 8.87
C LEU C 111 -33.35 4.04 7.72
N LEU C 112 -32.89 3.03 6.99
CA LEU C 112 -33.65 2.53 5.85
C LEU C 112 -34.30 1.15 6.03
N LYS C 113 -34.27 0.64 7.25
CA LYS C 113 -34.87 -0.67 7.51
C LYS C 113 -36.37 -0.64 7.26
N ASP C 114 -36.91 -1.73 6.74
CA ASP C 114 -38.34 -1.77 6.47
C ASP C 114 -39.15 -1.47 7.71
N GLY C 115 -40.20 -0.67 7.55
CA GLY C 115 -41.05 -0.33 8.66
C GLY C 115 -40.75 1.04 9.25
N ASN C 116 -39.49 1.45 9.22
CA ASN C 116 -39.15 2.74 9.78
C ASN C 116 -39.67 3.91 8.93
N PRO C 117 -39.81 5.09 9.54
CA PRO C 117 -40.29 6.33 8.91
C PRO C 117 -39.78 6.67 7.50
N ILE C 118 -38.52 7.03 7.39
CA ILE C 118 -37.97 7.40 6.08
C ILE C 118 -38.24 6.42 4.93
N PRO C 119 -37.85 5.14 5.09
CA PRO C 119 -38.10 4.21 3.97
C PRO C 119 -39.58 4.04 3.65
N SER C 120 -40.42 4.16 4.64
CA SER C 120 -41.84 4.00 4.40
C SER C 120 -42.44 5.20 3.68
N ALA C 121 -41.96 6.40 3.98
CA ALA C 121 -42.45 7.60 3.34
C ALA C 121 -42.08 7.60 1.86
N ILE C 122 -40.82 7.25 1.58
CA ILE C 122 -40.33 7.20 0.21
C ILE C 122 -41.11 6.19 -0.64
N ALA C 123 -41.27 4.99 -0.09
CA ALA C 123 -41.97 3.93 -0.80
C ALA C 123 -43.46 4.19 -1.02
N ALA C 124 -43.98 5.26 -0.44
CA ALA C 124 -45.39 5.59 -0.61
C ALA C 124 -45.61 6.95 -1.26
N ASN C 125 -44.58 7.49 -1.92
CA ASN C 125 -44.69 8.79 -2.56
C ASN C 125 -45.13 9.79 -1.51
N SER C 126 -44.69 9.63 -0.27
CA SER C 126 -45.12 10.54 0.79
C SER C 126 -44.01 11.26 1.55
N GLY C 127 -44.43 12.12 2.46
CA GLY C 127 -43.50 12.86 3.29
C GLY C 127 -43.75 12.38 4.72
N ILE C 128 -43.45 13.22 5.70
CA ILE C 128 -43.71 12.84 7.07
C ILE C 128 -45.08 13.41 7.43
N TYR C 129 -45.83 12.72 8.27
CA TYR C 129 -47.15 13.19 8.63
C TYR C 129 -47.63 12.59 9.96
#